data_1OYW
#
_entry.id   1OYW
#
_cell.length_a   66.696
_cell.length_b   54.589
_cell.length_c   78.830
_cell.angle_alpha   90.00
_cell.angle_beta   110.85
_cell.angle_gamma   90.00
#
_symmetry.space_group_name_H-M   'P 1 21 1'
#
loop_
_entity.id
_entity.type
_entity.pdbx_description
1 polymer 'ATP-dependent DNA helicase'
2 non-polymer 'ZINC ION'
3 non-polymer 'MANGANESE (II) ION'
4 water water
#
_entity_poly.entity_id   1
_entity_poly.type   'polypeptide(L)'
_entity_poly.pdbx_seq_one_letter_code
;(MSE)AQAEVLNLESGAKQVLQETFGYQQFRPGQEEIIDTVLSGRDCLVV(MSE)PTGGGKSLCYQIPALLLNGLTVVVS
PLISL(MSE)KDQVDQLQANGVAAACLNSTQTREQQLEV(MSE)TGCRTGQIRLLYIAPERL(MSE)LDNFLEHLAHWNP
VLLAVDEAHCISQWGHDFRPEYAALGQLRQRFPTLPF(MSE)ALTATADDTTRQDIVRLLGLNDPLIQISSFDRPNIRY
(MSE)L(MSE)EKFKPLDQL(MSE)RYVQEQRGKSGIIYCNSRAKVEDTAARLQSKGISAAAYHAGLENNVRADVQEKFQ
RDDLQIVVATVAFG(MSE)GINKPNVRFVVHFDIPRNIESYYQETGRAGRDGLPAEA(MSE)LFYDPAD(MSE)AWLRRC
LEEKPQGQLQDIERHKLNA(MSE)GAFAEAQTCRRLVLLNYFGEGRQEPCGNCDICLDPPKQYDGSTDAQIALSTIGRVN
QRFG(MSE)GYVVEVIRGANNQRIRDYGHDKLKVYG(MSE)GRDKSHEHWVSVIRQLIHLGLVTQNIAQHSALQLTEAAR
PVLRGESSLQLAVPRIVALKPKA(MSE)
;
_entity_poly.pdbx_strand_id   A
#
loop_
_chem_comp.id
_chem_comp.type
_chem_comp.name
_chem_comp.formula
MN non-polymer 'MANGANESE (II) ION' 'Mn 2'
ZN non-polymer 'ZINC ION' 'Zn 2'
#
# COMPACT_ATOMS: atom_id res chain seq x y z
N MSE A 1 23.81 -28.64 -3.00
CA MSE A 1 22.91 -27.46 -2.84
C MSE A 1 23.70 -26.16 -2.94
O MSE A 1 24.94 -26.15 -2.88
CB MSE A 1 22.13 -27.56 -1.52
CG MSE A 1 22.95 -27.27 -0.28
SE MSE A 1 22.32 -27.82 1.30
CE MSE A 1 20.71 -27.25 1.47
N ALA A 2 22.96 -25.07 -3.08
CA ALA A 2 23.56 -23.73 -3.15
C ALA A 2 24.29 -23.53 -1.82
N GLN A 3 25.49 -22.98 -1.90
CA GLN A 3 26.34 -22.92 -0.71
C GLN A 3 26.38 -21.54 -0.08
N ALA A 4 26.45 -21.50 1.26
CA ALA A 4 26.60 -20.23 1.96
C ALA A 4 27.85 -19.51 1.47
N GLU A 5 27.79 -18.18 1.27
CA GLU A 5 28.95 -17.48 0.74
C GLU A 5 29.91 -16.89 1.74
N VAL A 6 29.48 -16.67 3.00
CA VAL A 6 30.30 -16.00 3.99
C VAL A 6 30.43 -16.83 5.27
N LEU A 7 31.62 -16.81 5.85
CA LEU A 7 31.90 -17.57 7.08
C LEU A 7 31.13 -17.03 8.27
N ASN A 8 31.24 -15.73 8.54
CA ASN A 8 30.52 -15.14 9.67
C ASN A 8 29.25 -14.45 9.21
N LEU A 9 28.10 -14.95 9.66
CA LEU A 9 26.80 -14.50 9.19
C LEU A 9 26.49 -13.04 9.49
N GLU A 10 26.84 -12.57 10.68
CA GLU A 10 26.61 -11.17 11.08
C GLU A 10 27.37 -10.22 10.17
N SER A 11 28.65 -10.49 9.92
CA SER A 11 29.40 -9.57 9.06
C SER A 11 29.07 -9.81 7.60
N GLY A 12 28.62 -11.02 7.25
CA GLY A 12 28.25 -11.35 5.90
C GLY A 12 27.15 -10.51 5.30
N ALA A 13 26.16 -10.12 6.08
CA ALA A 13 25.05 -9.30 5.58
C ALA A 13 25.54 -8.02 4.90
N LYS A 14 26.39 -7.25 5.60
CA LYS A 14 26.93 -6.02 5.02
C LYS A 14 27.90 -6.31 3.89
N GLN A 15 28.69 -7.37 4.01
CA GLN A 15 29.61 -7.74 2.93
C GLN A 15 28.89 -7.97 1.61
N VAL A 16 27.80 -8.76 1.64
CA VAL A 16 27.02 -9.05 0.45
C VAL A 16 26.32 -7.79 -0.06
N LEU A 17 25.76 -7.00 0.85
CA LEU A 17 25.11 -5.76 0.45
C LEU A 17 26.02 -4.89 -0.43
N GLN A 18 27.23 -4.68 0.04
CA GLN A 18 28.22 -3.85 -0.64
C GLN A 18 28.86 -4.50 -1.85
N GLU A 19 29.39 -5.70 -1.69
CA GLU A 19 30.13 -6.38 -2.74
C GLU A 19 29.27 -6.99 -3.84
N THR A 20 28.12 -7.55 -3.49
CA THR A 20 27.27 -8.17 -4.49
C THR A 20 26.26 -7.18 -5.06
N PHE A 21 25.65 -6.40 -4.18
CA PHE A 21 24.58 -5.49 -4.64
C PHE A 21 25.04 -4.06 -4.82
N GLY A 22 26.20 -3.71 -4.29
CA GLY A 22 26.77 -2.39 -4.47
C GLY A 22 26.18 -1.30 -3.60
N TYR A 23 25.50 -1.65 -2.51
CA TYR A 23 24.93 -0.62 -1.63
C TYR A 23 25.87 -0.40 -0.45
N GLN A 24 26.14 0.86 -0.12
CA GLN A 24 27.08 1.17 0.94
C GLN A 24 26.54 0.94 2.34
N GLN A 25 25.26 1.19 2.61
CA GLN A 25 24.75 0.96 3.97
C GLN A 25 23.30 0.49 3.90
N PHE A 26 22.86 -0.18 4.95
CA PHE A 26 21.49 -0.67 5.03
C PHE A 26 20.51 0.47 5.29
N ARG A 27 19.29 0.29 4.81
CA ARG A 27 18.25 1.29 5.08
C ARG A 27 17.54 0.83 6.34
N PRO A 28 16.79 1.71 6.99
CA PRO A 28 16.07 1.38 8.20
C PRO A 28 15.28 0.09 8.09
N GLY A 29 15.47 -0.82 9.04
CA GLY A 29 14.74 -2.07 9.10
C GLY A 29 15.38 -3.25 8.38
N GLN A 30 16.22 -2.99 7.39
CA GLN A 30 16.84 -4.03 6.59
C GLN A 30 17.76 -4.93 7.39
N GLU A 31 18.74 -4.35 8.09
CA GLU A 31 19.67 -5.20 8.86
C GLU A 31 18.91 -6.07 9.84
N GLU A 32 18.01 -5.46 10.61
CA GLU A 32 17.21 -6.20 11.59
C GLU A 32 16.52 -7.41 10.98
N ILE A 33 15.82 -7.21 9.88
CA ILE A 33 15.14 -8.27 9.15
C ILE A 33 16.11 -9.36 8.73
N ILE A 34 17.16 -8.95 8.03
CA ILE A 34 18.13 -9.92 7.52
C ILE A 34 18.78 -10.73 8.63
N ASP A 35 19.18 -10.06 9.71
CA ASP A 35 19.76 -10.82 10.84
C ASP A 35 18.74 -11.75 11.46
N THR A 36 17.49 -11.32 11.56
CA THR A 36 16.42 -12.16 12.09
C THR A 36 16.16 -13.37 11.20
N VAL A 37 16.12 -13.13 9.90
CA VAL A 37 15.96 -14.23 8.93
C VAL A 37 17.14 -15.20 9.01
N LEU A 38 18.37 -14.69 9.11
CA LEU A 38 19.55 -15.55 9.24
C LEU A 38 19.50 -16.36 10.53
N SER A 39 18.85 -15.86 11.58
CA SER A 39 18.66 -16.61 12.82
C SER A 39 17.57 -17.68 12.72
N GLY A 40 16.77 -17.71 11.67
CA GLY A 40 15.76 -18.72 11.48
C GLY A 40 14.39 -18.40 12.07
N ARG A 41 14.13 -17.14 12.36
CA ARG A 41 12.85 -16.72 12.91
C ARG A 41 11.94 -16.14 11.83
N ASP A 42 10.67 -16.51 11.90
CA ASP A 42 9.70 -15.99 10.93
C ASP A 42 9.69 -14.47 10.99
N CYS A 43 9.32 -13.83 9.89
CA CYS A 43 9.32 -12.38 9.85
C CYS A 43 8.25 -11.83 8.91
N LEU A 44 7.66 -10.69 9.28
CA LEU A 44 6.75 -9.96 8.42
C LEU A 44 7.39 -8.58 8.17
N VAL A 45 7.64 -8.28 6.90
CA VAL A 45 8.37 -7.09 6.50
C VAL A 45 7.44 -6.11 5.78
N VAL A 46 7.20 -4.92 6.33
CA VAL A 46 6.36 -3.92 5.68
C VAL A 46 7.27 -2.74 5.33
N MSE A 47 7.62 -2.58 4.06
CA MSE A 47 8.67 -1.72 3.65
C MSE A 47 8.30 -0.77 2.56
O MSE A 47 7.65 -1.16 1.58
CB MSE A 47 9.84 -2.58 3.14
CG MSE A 47 10.78 -2.96 4.28
SE MSE A 47 12.57 -3.00 3.66
CE MSE A 47 13.42 -2.86 5.29
N PRO A 48 8.97 0.37 2.57
CA PRO A 48 8.61 1.46 1.68
C PRO A 48 8.73 1.15 0.20
N THR A 49 9.63 0.24 -0.17
CA THR A 49 9.87 -0.04 -1.58
C THR A 49 10.22 -1.51 -1.78
N GLY A 50 10.03 -2.00 -3.00
CA GLY A 50 10.42 -3.35 -3.37
C GLY A 50 11.93 -3.52 -3.25
N GLY A 51 12.69 -2.50 -3.59
CA GLY A 51 14.12 -2.44 -3.57
C GLY A 51 14.75 -2.82 -2.24
N GLY A 52 14.37 -2.15 -1.16
CA GLY A 52 14.89 -2.56 0.15
C GLY A 52 14.29 -3.94 0.50
N LYS A 53 13.04 -4.15 0.10
CA LYS A 53 12.33 -5.38 0.42
C LYS A 53 13.00 -6.64 -0.11
N SER A 54 13.32 -6.63 -1.41
CA SER A 54 13.90 -7.81 -2.05
C SER A 54 15.23 -8.26 -1.45
N LEU A 55 16.07 -7.34 -1.00
CA LEU A 55 17.33 -7.68 -0.35
C LEU A 55 17.13 -8.40 0.97
N CYS A 56 15.96 -8.22 1.58
CA CYS A 56 15.59 -8.91 2.80
C CYS A 56 15.56 -10.43 2.62
N TYR A 57 15.28 -10.97 1.43
CA TYR A 57 15.42 -12.38 1.19
C TYR A 57 16.61 -12.70 0.29
N GLN A 58 17.08 -11.81 -0.57
CA GLN A 58 18.21 -12.16 -1.45
C GLN A 58 19.50 -12.28 -0.67
N ILE A 59 19.74 -11.38 0.28
CA ILE A 59 20.96 -11.44 1.09
C ILE A 59 20.99 -12.70 1.92
N PRO A 60 19.95 -13.03 2.68
CA PRO A 60 19.88 -14.31 3.39
C PRO A 60 20.12 -15.48 2.47
N ALA A 61 19.50 -15.50 1.28
CA ALA A 61 19.67 -16.63 0.37
C ALA A 61 21.13 -16.88 0.01
N LEU A 62 21.91 -15.81 -0.14
CA LEU A 62 23.32 -15.92 -0.46
C LEU A 62 24.16 -16.34 0.74
N LEU A 63 23.67 -16.06 1.95
CA LEU A 63 24.41 -16.44 3.15
C LEU A 63 24.02 -17.79 3.71
N LEU A 64 23.12 -18.52 3.06
CA LEU A 64 22.66 -19.81 3.54
C LEU A 64 22.99 -20.94 2.58
N ASN A 65 23.09 -22.14 3.12
CA ASN A 65 23.19 -23.36 2.35
C ASN A 65 21.76 -23.83 2.11
N GLY A 66 21.39 -24.04 0.85
CA GLY A 66 20.03 -24.47 0.57
C GLY A 66 19.30 -23.65 -0.48
N LEU A 67 18.03 -24.00 -0.63
CA LEU A 67 17.20 -23.31 -1.63
C LEU A 67 16.26 -22.33 -0.93
N THR A 68 16.25 -21.09 -1.43
CA THR A 68 15.30 -20.08 -0.97
C THR A 68 14.20 -19.99 -2.04
N VAL A 69 12.96 -20.10 -1.58
CA VAL A 69 11.80 -20.05 -2.49
C VAL A 69 11.08 -18.72 -2.28
N VAL A 70 10.78 -18.01 -3.35
CA VAL A 70 10.09 -16.73 -3.25
C VAL A 70 8.78 -16.81 -4.03
N VAL A 71 7.66 -16.70 -3.33
CA VAL A 71 6.35 -16.75 -3.96
C VAL A 71 5.95 -15.36 -4.43
N SER A 72 5.58 -15.22 -5.71
CA SER A 72 5.12 -13.90 -6.17
C SER A 72 4.13 -14.10 -7.31
N PRO A 73 3.15 -13.21 -7.41
CA PRO A 73 2.15 -13.26 -8.45
C PRO A 73 2.56 -12.47 -9.68
N LEU A 74 3.68 -11.78 -9.61
CA LEU A 74 4.16 -10.91 -10.69
C LEU A 74 5.01 -11.65 -11.70
N ILE A 75 4.43 -12.51 -12.52
CA ILE A 75 5.16 -13.30 -13.49
C ILE A 75 6.09 -12.47 -14.37
N SER A 76 5.56 -11.47 -15.06
CA SER A 76 6.40 -10.62 -15.90
C SER A 76 6.95 -9.48 -15.06
N LEU A 77 7.96 -9.78 -14.28
CA LEU A 77 8.67 -8.93 -13.35
C LEU A 77 9.55 -9.87 -12.52
N MSE A 78 9.05 -11.09 -12.28
CA MSE A 78 9.77 -12.13 -11.64
C MSE A 78 10.84 -12.55 -12.62
O MSE A 78 12.02 -12.73 -12.26
CB MSE A 78 8.90 -13.32 -11.21
CG MSE A 78 8.70 -14.50 -12.14
SE MSE A 78 7.66 -15.92 -11.46
CE MSE A 78 7.91 -17.27 -12.63
N LYS A 79 10.51 -12.63 -13.90
CA LYS A 79 11.45 -13.02 -14.95
C LYS A 79 12.56 -11.99 -15.13
N ASP A 80 12.24 -10.73 -14.81
CA ASP A 80 13.21 -9.65 -14.90
C ASP A 80 14.17 -9.69 -13.71
N GLN A 81 13.64 -9.98 -12.54
CA GLN A 81 14.43 -10.15 -11.33
C GLN A 81 15.50 -11.22 -11.55
N VAL A 82 15.11 -12.34 -12.12
CA VAL A 82 16.01 -13.44 -12.43
C VAL A 82 17.16 -13.00 -13.30
N ASP A 83 16.87 -12.32 -14.41
CA ASP A 83 17.93 -11.85 -15.30
C ASP A 83 18.89 -10.91 -14.56
N GLN A 84 18.35 -9.94 -13.82
CA GLN A 84 19.16 -9.02 -13.05
C GLN A 84 20.03 -9.74 -12.02
N LEU A 85 19.42 -10.69 -11.30
CA LEU A 85 20.15 -11.50 -10.32
C LEU A 85 21.26 -12.31 -10.99
N GLN A 86 20.96 -12.99 -12.09
CA GLN A 86 21.96 -13.78 -12.81
C GLN A 86 23.12 -12.93 -13.28
N ALA A 87 22.85 -11.67 -13.63
CA ALA A 87 23.83 -10.68 -14.04
C ALA A 87 24.71 -10.23 -12.87
N ASN A 88 24.24 -10.41 -11.64
CA ASN A 88 25.01 -10.15 -10.44
C ASN A 88 25.70 -11.42 -9.95
N GLY A 89 25.62 -12.49 -10.73
CA GLY A 89 26.24 -13.76 -10.42
C GLY A 89 25.41 -14.66 -9.52
N VAL A 90 24.16 -14.30 -9.25
CA VAL A 90 23.31 -15.11 -8.37
C VAL A 90 22.54 -16.16 -9.15
N ALA A 91 22.53 -17.40 -8.65
CA ALA A 91 21.85 -18.51 -9.29
C ALA A 91 20.35 -18.49 -9.01
N ALA A 92 19.63 -17.69 -9.81
CA ALA A 92 18.19 -17.52 -9.67
C ALA A 92 17.44 -18.08 -10.87
N ALA A 93 16.22 -18.51 -10.63
CA ALA A 93 15.36 -19.00 -11.72
C ALA A 93 13.91 -18.75 -11.32
N CYS A 94 13.00 -19.01 -12.26
CA CYS A 94 11.58 -18.87 -11.89
C CYS A 94 10.78 -19.98 -12.53
N LEU A 95 9.64 -20.27 -11.94
CA LEU A 95 8.78 -21.37 -12.38
C LEU A 95 7.35 -20.88 -12.33
N ASN A 96 6.65 -21.00 -13.45
CA ASN A 96 5.25 -20.57 -13.49
C ASN A 96 4.56 -21.31 -14.62
N SER A 97 3.23 -21.30 -14.65
CA SER A 97 2.46 -21.99 -15.67
C SER A 97 2.53 -21.39 -17.06
N THR A 98 3.11 -20.22 -17.28
CA THR A 98 3.28 -19.65 -18.59
C THR A 98 4.44 -20.28 -19.37
N GLN A 99 5.39 -20.86 -18.63
CA GLN A 99 6.53 -21.50 -19.26
C GLN A 99 6.10 -22.83 -19.87
N THR A 100 6.87 -23.30 -20.86
CA THR A 100 6.60 -24.61 -21.45
C THR A 100 6.92 -25.65 -20.39
N ARG A 101 6.38 -26.87 -20.46
CA ARG A 101 6.72 -27.88 -19.46
C ARG A 101 8.20 -28.23 -19.55
N GLU A 102 8.77 -28.21 -20.76
CA GLU A 102 10.19 -28.46 -20.93
C GLU A 102 11.02 -27.51 -20.08
N GLN A 103 10.71 -26.21 -20.16
CA GLN A 103 11.43 -25.21 -19.38
C GLN A 103 11.21 -25.39 -17.88
N GLN A 104 9.98 -25.69 -17.49
CA GLN A 104 9.67 -25.97 -16.09
C GLN A 104 10.50 -27.13 -15.55
N LEU A 105 10.62 -28.22 -16.34
CA LEU A 105 11.40 -29.37 -15.90
C LEU A 105 12.88 -29.04 -15.76
N GLU A 106 13.43 -28.20 -16.63
CA GLU A 106 14.82 -27.76 -16.48
C GLU A 106 15.05 -27.01 -15.17
N VAL A 107 14.14 -26.11 -14.84
CA VAL A 107 14.24 -25.36 -13.57
C VAL A 107 14.12 -26.30 -12.39
N MSE A 108 13.21 -27.27 -12.41
CA MSE A 108 13.09 -28.24 -11.38
C MSE A 108 14.35 -29.05 -11.26
O MSE A 108 14.80 -29.33 -10.13
CB MSE A 108 11.87 -29.15 -11.61
CG MSE A 108 10.56 -28.39 -11.43
SE MSE A 108 9.02 -29.42 -11.83
CE MSE A 108 8.92 -30.44 -10.32
N THR A 109 14.98 -29.46 -12.35
CA THR A 109 16.26 -30.17 -12.31
C THR A 109 17.36 -29.33 -11.70
N GLY A 110 17.36 -28.04 -11.96
CA GLY A 110 18.35 -27.13 -11.38
C GLY A 110 18.21 -27.07 -9.86
N CYS A 111 16.97 -27.08 -9.37
CA CYS A 111 16.71 -27.06 -7.94
C CYS A 111 17.11 -28.39 -7.30
N ARG A 112 16.75 -29.48 -7.99
CA ARG A 112 17.08 -30.82 -7.55
C ARG A 112 18.58 -31.05 -7.41
N THR A 113 19.38 -30.54 -8.34
CA THR A 113 20.81 -30.75 -8.35
C THR A 113 21.57 -29.72 -7.54
N GLY A 114 20.90 -28.68 -7.05
CA GLY A 114 21.50 -27.64 -6.25
C GLY A 114 22.23 -26.58 -7.05
N GLN A 115 21.85 -26.40 -8.31
CA GLN A 115 22.43 -25.38 -9.16
C GLN A 115 21.65 -24.08 -9.06
N ILE A 116 20.45 -24.14 -8.49
CA ILE A 116 19.64 -22.93 -8.29
C ILE A 116 19.59 -22.63 -6.79
N ARG A 117 19.89 -21.38 -6.44
CA ARG A 117 19.87 -20.91 -5.06
C ARG A 117 18.53 -20.26 -4.71
N LEU A 118 18.02 -19.51 -5.68
CA LEU A 118 16.82 -18.71 -5.46
C LEU A 118 15.77 -19.00 -6.52
N LEU A 119 14.68 -19.64 -6.12
CA LEU A 119 13.60 -19.93 -7.06
C LEU A 119 12.36 -19.07 -6.85
N TYR A 120 11.98 -18.30 -7.87
CA TYR A 120 10.74 -17.52 -7.80
C TYR A 120 9.61 -18.41 -8.36
N ILE A 121 8.50 -18.51 -7.66
CA ILE A 121 7.43 -19.40 -8.14
C ILE A 121 6.06 -18.73 -8.03
N ALA A 122 5.21 -18.97 -9.02
CA ALA A 122 3.86 -18.41 -8.97
C ALA A 122 3.08 -19.24 -7.97
N PRO A 123 2.23 -18.63 -7.14
CA PRO A 123 1.46 -19.33 -6.13
C PRO A 123 0.70 -20.53 -6.66
N GLU A 124 0.09 -20.41 -7.83
CA GLU A 124 -0.62 -21.51 -8.46
C GLU A 124 0.28 -22.72 -8.71
N ARG A 125 1.50 -22.46 -9.17
CA ARG A 125 2.44 -23.50 -9.53
C ARG A 125 2.97 -24.27 -8.33
N LEU A 126 3.22 -23.56 -7.23
CA LEU A 126 3.72 -24.10 -5.98
C LEU A 126 2.78 -25.15 -5.39
N MSE A 127 1.47 -24.96 -5.58
CA MSE A 127 0.45 -25.78 -5.04
C MSE A 127 -0.12 -26.71 -6.08
O MSE A 127 -1.20 -27.28 -5.82
CB MSE A 127 -0.67 -24.89 -4.49
CG MSE A 127 -0.15 -23.84 -3.50
SE MSE A 127 0.92 -24.56 -2.11
CE MSE A 127 1.30 -23.08 -1.14
N LEU A 128 0.52 -26.93 -7.22
CA LEU A 128 0.03 -27.83 -8.24
C LEU A 128 1.00 -28.94 -8.62
N ASP A 129 0.46 -30.00 -9.21
CA ASP A 129 1.19 -31.16 -9.69
C ASP A 129 2.17 -31.72 -8.69
N ASN A 130 1.75 -31.95 -7.46
CA ASN A 130 2.54 -32.38 -6.32
C ASN A 130 3.92 -31.74 -6.25
N PHE A 131 3.99 -30.42 -6.50
CA PHE A 131 5.24 -29.70 -6.42
C PHE A 131 5.80 -29.72 -5.00
N LEU A 132 4.97 -29.64 -3.97
CA LEU A 132 5.51 -29.60 -2.60
C LEU A 132 6.24 -30.87 -2.25
N GLU A 133 5.82 -32.01 -2.77
CA GLU A 133 6.51 -33.28 -2.53
C GLU A 133 7.90 -33.27 -3.18
N HIS A 134 8.04 -32.63 -4.34
CA HIS A 134 9.32 -32.44 -4.98
C HIS A 134 10.19 -31.45 -4.20
N LEU A 135 9.56 -30.35 -3.78
CA LEU A 135 10.27 -29.31 -3.05
C LEU A 135 10.91 -29.83 -1.78
N ALA A 136 10.27 -30.75 -1.07
CA ALA A 136 10.82 -31.34 0.15
C ALA A 136 12.17 -32.00 -0.02
N HIS A 137 12.54 -32.48 -1.20
CA HIS A 137 13.83 -33.13 -1.41
C HIS A 137 14.93 -32.17 -1.86
N TRP A 138 14.61 -30.88 -2.00
CA TRP A 138 15.55 -29.93 -2.56
C TRP A 138 16.19 -29.00 -1.55
N ASN A 139 16.17 -29.41 -0.29
CA ASN A 139 16.86 -28.68 0.77
C ASN A 139 16.40 -27.25 0.96
N PRO A 140 15.10 -27.03 1.05
CA PRO A 140 14.55 -25.69 1.24
C PRO A 140 14.99 -25.12 2.57
N VAL A 141 15.46 -23.87 2.58
CA VAL A 141 15.97 -23.27 3.82
C VAL A 141 15.18 -22.02 4.18
N LEU A 142 14.48 -21.45 3.20
CA LEU A 142 13.73 -20.22 3.48
C LEU A 142 12.61 -20.06 2.46
N LEU A 143 11.40 -19.75 2.93
CA LEU A 143 10.29 -19.52 2.01
C LEU A 143 9.76 -18.10 2.22
N ALA A 144 9.87 -17.26 1.23
CA ALA A 144 9.45 -15.86 1.31
C ALA A 144 8.19 -15.64 0.47
N VAL A 145 7.19 -14.99 1.07
CA VAL A 145 5.96 -14.70 0.33
C VAL A 145 5.89 -13.22 0.01
N ASP A 146 6.11 -12.88 -1.26
CA ASP A 146 6.09 -11.47 -1.66
C ASP A 146 4.63 -11.07 -1.90
N GLU A 147 4.38 -9.76 -1.93
CA GLU A 147 3.01 -9.29 -2.10
C GLU A 147 2.08 -10.06 -1.18
N ALA A 148 2.41 -10.12 0.11
CA ALA A 148 1.78 -11.00 1.08
C ALA A 148 0.40 -10.50 1.50
N HIS A 149 0.10 -9.23 1.25
CA HIS A 149 -1.23 -8.71 1.51
C HIS A 149 -2.27 -9.37 0.59
N CYS A 150 -1.87 -9.96 -0.52
CA CYS A 150 -2.81 -10.67 -1.40
C CYS A 150 -3.46 -11.89 -0.79
N ILE A 151 -3.02 -12.39 0.37
CA ILE A 151 -3.64 -13.52 1.02
C ILE A 151 -4.85 -13.09 1.84
N SER A 152 -4.97 -11.79 2.10
CA SER A 152 -6.05 -11.28 2.94
C SER A 152 -7.20 -10.68 2.16
N GLN A 153 -8.41 -11.07 2.53
CA GLN A 153 -9.62 -10.47 1.97
C GLN A 153 -9.83 -9.05 2.49
N TRP A 154 -9.12 -8.65 3.54
CA TRP A 154 -9.20 -7.30 4.09
C TRP A 154 -8.29 -6.34 3.35
N GLY A 155 -7.36 -6.85 2.55
CA GLY A 155 -6.47 -5.99 1.78
C GLY A 155 -7.14 -5.40 0.55
N HIS A 156 -6.32 -4.77 -0.30
CA HIS A 156 -6.83 -4.17 -1.53
C HIS A 156 -6.57 -5.00 -2.77
N ASP A 157 -6.11 -6.24 -2.63
CA ASP A 157 -5.79 -7.03 -3.81
C ASP A 157 -5.78 -8.52 -3.50
N PHE A 158 -6.90 -9.03 -2.99
CA PHE A 158 -6.99 -10.45 -2.65
C PHE A 158 -6.91 -11.29 -3.92
N ARG A 159 -6.06 -12.32 -3.83
CA ARG A 159 -5.89 -13.27 -4.93
C ARG A 159 -6.23 -14.67 -4.41
N PRO A 160 -7.17 -15.34 -5.06
CA PRO A 160 -7.60 -16.68 -4.67
C PRO A 160 -6.47 -17.69 -4.65
N GLU A 161 -5.49 -17.57 -5.53
CA GLU A 161 -4.33 -18.46 -5.54
C GLU A 161 -3.45 -18.31 -4.30
N TYR A 162 -3.56 -17.21 -3.55
CA TYR A 162 -2.79 -17.04 -2.32
C TYR A 162 -3.39 -17.82 -1.16
N ALA A 163 -4.69 -18.04 -1.18
CA ALA A 163 -5.39 -18.72 -0.09
C ALA A 163 -4.77 -20.07 0.25
N ALA A 164 -4.43 -20.88 -0.76
CA ALA A 164 -3.81 -22.17 -0.54
C ALA A 164 -2.43 -22.08 0.07
N LEU A 165 -1.76 -20.92 0.10
CA LEU A 165 -0.48 -20.77 0.76
C LEU A 165 -0.57 -20.94 2.27
N GLY A 166 -1.77 -20.90 2.86
CA GLY A 166 -1.97 -21.20 4.26
C GLY A 166 -1.70 -22.66 4.62
N GLN A 167 -1.56 -23.56 3.66
CA GLN A 167 -1.23 -24.95 3.91
C GLN A 167 0.27 -25.20 4.05
N LEU A 168 1.11 -24.23 3.70
CA LEU A 168 2.55 -24.43 3.77
C LEU A 168 3.08 -24.67 5.18
N ARG A 169 2.68 -23.84 6.14
CA ARG A 169 3.20 -24.00 7.50
C ARG A 169 3.05 -25.44 8.00
N GLN A 170 1.88 -26.02 7.89
CA GLN A 170 1.65 -27.40 8.31
C GLN A 170 2.53 -28.40 7.58
N ARG A 171 2.71 -28.22 6.27
CA ARG A 171 3.50 -29.14 5.46
C ARG A 171 4.99 -29.03 5.73
N PHE A 172 5.46 -27.85 6.13
CA PHE A 172 6.88 -27.61 6.38
C PHE A 172 7.07 -26.90 7.71
N PRO A 173 6.88 -27.62 8.82
CA PRO A 173 6.87 -27.03 10.14
C PRO A 173 8.19 -26.46 10.62
N THR A 174 9.31 -26.96 10.09
CA THR A 174 10.61 -26.46 10.49
C THR A 174 11.17 -25.45 9.48
N LEU A 175 10.43 -25.14 8.42
CA LEU A 175 10.88 -24.19 7.42
C LEU A 175 10.53 -22.75 7.77
N PRO A 176 11.51 -21.89 8.00
CA PRO A 176 11.30 -20.50 8.32
C PRO A 176 10.65 -19.75 7.15
N PHE A 177 9.62 -18.95 7.46
CA PHE A 177 8.86 -18.23 6.46
C PHE A 177 9.08 -16.72 6.63
N MSE A 178 8.96 -15.94 5.55
CA MSE A 178 8.99 -14.52 5.65
C MSE A 178 7.83 -14.06 4.78
O MSE A 178 7.55 -14.70 3.76
CB MSE A 178 10.27 -13.85 5.16
CG MSE A 178 10.42 -12.35 5.42
SE MSE A 178 12.04 -11.70 4.60
CE MSE A 178 12.54 -13.38 4.07
N ALA A 179 7.18 -12.98 5.19
CA ALA A 179 6.10 -12.38 4.41
C ALA A 179 6.46 -10.93 4.13
N LEU A 180 6.30 -10.44 2.90
CA LEU A 180 6.76 -9.10 2.55
C LEU A 180 5.70 -8.32 1.79
N THR A 181 5.60 -7.01 2.08
CA THR A 181 4.61 -6.17 1.40
C THR A 181 4.95 -4.70 1.57
N ALA A 182 4.55 -3.88 0.62
CA ALA A 182 4.75 -2.43 0.75
C ALA A 182 3.46 -1.76 1.20
N THR A 183 2.33 -2.46 1.06
CA THR A 183 1.06 -1.80 1.39
C THR A 183 0.08 -2.71 2.11
N ALA A 184 0.02 -2.54 3.42
CA ALA A 184 -0.86 -3.30 4.29
C ALA A 184 -1.16 -2.44 5.53
N ASP A 185 -2.43 -2.20 5.83
CA ASP A 185 -2.74 -1.47 7.06
C ASP A 185 -2.76 -2.46 8.23
N ASP A 186 -3.14 -2.03 9.41
CA ASP A 186 -3.12 -2.83 10.62
C ASP A 186 -3.90 -4.13 10.47
N THR A 187 -5.17 -4.06 10.09
CA THR A 187 -6.01 -5.24 9.90
C THR A 187 -5.38 -6.24 8.95
N THR A 188 -4.92 -5.72 7.81
CA THR A 188 -4.26 -6.57 6.82
C THR A 188 -2.96 -7.16 7.35
N ARG A 189 -2.13 -6.39 8.06
CA ARG A 189 -0.87 -6.94 8.61
C ARG A 189 -1.16 -8.11 9.55
N GLN A 190 -2.12 -7.92 10.46
CA GLN A 190 -2.51 -8.99 11.37
C GLN A 190 -3.03 -10.22 10.63
N ASP A 191 -3.78 -10.03 9.55
CA ASP A 191 -4.31 -11.14 8.78
C ASP A 191 -3.19 -11.90 8.08
N ILE A 192 -2.18 -11.20 7.58
CA ILE A 192 -1.08 -11.88 6.90
C ILE A 192 -0.41 -12.88 7.84
N VAL A 193 -0.10 -12.43 9.06
CA VAL A 193 0.56 -13.28 10.04
C VAL A 193 -0.27 -14.51 10.39
N ARG A 194 -1.57 -14.27 10.58
CA ARG A 194 -2.48 -15.37 10.91
C ARG A 194 -2.64 -16.38 9.79
N LEU A 195 -2.94 -15.93 8.58
CA LEU A 195 -3.18 -16.85 7.47
C LEU A 195 -1.95 -17.63 7.01
N LEU A 196 -0.75 -17.04 7.06
CA LEU A 196 0.44 -17.76 6.64
C LEU A 196 0.99 -18.65 7.75
N GLY A 197 0.48 -18.51 8.97
CA GLY A 197 0.96 -19.31 10.09
C GLY A 197 2.36 -18.93 10.54
N LEU A 198 2.67 -17.64 10.56
CA LEU A 198 3.97 -17.18 11.05
C LEU A 198 4.05 -17.43 12.55
N ASN A 199 5.13 -18.08 12.99
CA ASN A 199 5.32 -18.44 14.37
C ASN A 199 6.03 -17.31 15.12
N ASP A 200 5.26 -16.56 15.90
CA ASP A 200 5.75 -15.43 16.67
C ASP A 200 6.84 -14.68 15.91
N PRO A 201 6.47 -14.04 14.81
CA PRO A 201 7.42 -13.39 13.95
C PRO A 201 7.88 -12.01 14.40
N LEU A 202 9.08 -11.64 13.94
CA LEU A 202 9.56 -10.28 14.12
C LEU A 202 8.68 -9.48 13.15
N ILE A 203 8.04 -8.43 13.64
CA ILE A 203 7.21 -7.62 12.73
C ILE A 203 7.89 -6.28 12.50
N GLN A 204 8.47 -6.07 11.32
CA GLN A 204 9.16 -4.82 11.03
C GLN A 204 8.33 -3.95 10.09
N ILE A 205 7.74 -2.90 10.67
CA ILE A 205 6.92 -1.99 9.85
C ILE A 205 7.68 -0.68 9.69
N SER A 206 8.21 -0.43 8.51
CA SER A 206 8.96 0.81 8.30
C SER A 206 7.95 1.96 8.15
N SER A 207 8.42 3.19 8.18
CA SER A 207 7.51 4.33 8.08
C SER A 207 6.83 4.38 6.72
N PHE A 208 5.59 4.87 6.70
CA PHE A 208 4.87 5.15 5.47
C PHE A 208 5.13 6.56 4.98
N ASP A 209 5.82 7.39 5.76
CA ASP A 209 6.15 8.74 5.39
C ASP A 209 7.28 8.76 4.35
N ARG A 210 6.97 9.32 3.20
CA ARG A 210 7.98 9.64 2.17
C ARG A 210 8.08 11.15 2.23
N PRO A 211 9.01 11.68 3.03
CA PRO A 211 9.06 13.09 3.33
C PRO A 211 9.34 13.99 2.15
N ASN A 212 9.97 13.47 1.10
CA ASN A 212 10.28 14.25 -0.08
C ASN A 212 9.13 14.34 -1.07
N ILE A 213 8.07 13.57 -0.88
CA ILE A 213 6.92 13.67 -1.78
C ILE A 213 5.93 14.69 -1.20
N ARG A 214 5.64 15.73 -1.95
CA ARG A 214 4.61 16.68 -1.55
C ARG A 214 3.28 16.23 -2.12
N TYR A 215 2.23 16.10 -1.28
CA TYR A 215 0.95 15.60 -1.78
C TYR A 215 -0.02 16.74 -2.04
N MSE A 216 -0.67 16.78 -3.22
CA MSE A 216 -1.52 17.88 -3.51
C MSE A 216 -2.77 17.42 -4.22
O MSE A 216 -2.83 16.35 -4.82
CB MSE A 216 -0.88 18.92 -4.40
CG MSE A 216 0.16 19.82 -3.73
SE MSE A 216 1.27 20.32 -5.19
CE MSE A 216 1.01 22.15 -5.07
N LEU A 217 -3.78 18.30 -4.15
CA LEU A 217 -5.06 17.99 -4.79
C LEU A 217 -5.54 19.23 -5.53
N MSE A 218 -6.21 19.08 -6.68
CA MSE A 218 -6.76 20.20 -7.36
C MSE A 218 -8.20 19.83 -7.70
O MSE A 218 -8.46 18.73 -8.21
CB MSE A 218 -6.04 20.55 -8.65
CG MSE A 218 -6.57 21.80 -9.34
SE MSE A 218 -5.49 22.45 -10.75
CE MSE A 218 -3.82 22.01 -10.08
N GLU A 219 -9.14 20.70 -7.36
CA GLU A 219 -10.54 20.46 -7.71
C GLU A 219 -10.73 20.66 -9.22
N LYS A 220 -11.39 19.73 -9.87
CA LYS A 220 -11.54 19.76 -11.31
C LYS A 220 -12.47 20.89 -11.78
N PHE A 221 -11.98 21.58 -12.80
CA PHE A 221 -12.70 22.66 -13.49
C PHE A 221 -12.04 22.85 -14.85
N LYS A 222 -12.67 22.29 -15.88
CA LYS A 222 -12.03 22.15 -17.18
C LYS A 222 -10.71 21.39 -16.98
N PRO A 223 -10.82 20.15 -16.52
CA PRO A 223 -9.67 19.39 -16.07
C PRO A 223 -8.65 19.04 -17.14
N LEU A 224 -9.06 18.97 -18.41
CA LEU A 224 -8.09 18.72 -19.48
C LEU A 224 -7.15 19.92 -19.59
N ASP A 225 -7.71 21.12 -19.44
CA ASP A 225 -6.91 22.33 -19.47
C ASP A 225 -6.05 22.44 -18.21
N GLN A 226 -6.59 22.00 -17.06
CA GLN A 226 -5.81 22.07 -15.82
C GLN A 226 -4.62 21.11 -15.92
N LEU A 227 -4.84 19.94 -16.51
CA LEU A 227 -3.77 18.97 -16.64
C LEU A 227 -2.63 19.46 -17.52
N MSE A 228 -2.96 20.08 -18.66
CA MSE A 228 -1.96 20.60 -19.55
C MSE A 228 -1.18 21.69 -18.86
O MSE A 228 0.07 21.74 -18.95
CB MSE A 228 -2.65 21.10 -20.82
CG MSE A 228 -1.65 21.84 -21.74
SE MSE A 228 -0.33 20.62 -22.34
CE MSE A 228 -1.40 19.09 -22.44
N ARG A 229 -1.84 22.60 -18.15
CA ARG A 229 -1.16 23.65 -17.43
C ARG A 229 -0.25 23.11 -16.33
N TYR A 230 -0.70 22.12 -15.57
CA TYR A 230 0.12 21.49 -14.55
C TYR A 230 1.42 20.96 -15.17
N VAL A 231 1.29 20.24 -16.28
CA VAL A 231 2.46 19.70 -16.98
C VAL A 231 3.39 20.84 -17.40
N GLN A 232 2.83 21.91 -17.96
CA GLN A 232 3.62 23.08 -18.32
C GLN A 232 4.38 23.66 -17.13
N GLU A 233 3.75 23.71 -15.96
CA GLU A 233 4.41 24.21 -14.76
C GLU A 233 5.50 23.31 -14.21
N GLN A 234 5.57 22.06 -14.66
CA GLN A 234 6.67 21.19 -14.23
C GLN A 234 7.97 21.59 -14.92
N ARG A 235 7.88 22.31 -16.03
CA ARG A 235 9.03 22.86 -16.72
C ARG A 235 10.10 21.82 -17.00
N GLY A 236 9.71 20.71 -17.63
CA GLY A 236 10.58 19.65 -18.02
C GLY A 236 10.80 18.52 -17.05
N LYS A 237 10.32 18.61 -15.82
CA LYS A 237 10.49 17.51 -14.88
C LYS A 237 9.76 16.26 -15.35
N SER A 238 10.36 15.10 -15.08
CA SER A 238 9.78 13.83 -15.49
C SER A 238 8.53 13.54 -14.68
N GLY A 239 7.63 12.75 -15.25
CA GLY A 239 6.41 12.37 -14.53
C GLY A 239 5.66 11.21 -15.14
N ILE A 240 4.77 10.65 -14.32
CA ILE A 240 3.84 9.62 -14.75
C ILE A 240 2.43 10.21 -14.58
N ILE A 241 1.61 10.08 -15.60
CA ILE A 241 0.22 10.55 -15.49
C ILE A 241 -0.67 9.31 -15.56
N TYR A 242 -1.37 8.96 -14.49
CA TYR A 242 -2.20 7.79 -14.44
C TYR A 242 -3.65 8.10 -14.83
N CYS A 243 -4.18 7.32 -15.77
CA CYS A 243 -5.57 7.49 -16.20
C CYS A 243 -6.28 6.14 -16.08
N ASN A 244 -7.60 6.14 -15.96
CA ASN A 244 -8.33 4.88 -15.79
C ASN A 244 -8.87 4.26 -17.07
N SER A 245 -8.45 4.75 -18.23
CA SER A 245 -8.82 4.11 -19.48
C SER A 245 -7.73 4.29 -20.54
N ARG A 246 -7.70 3.35 -21.47
CA ARG A 246 -6.74 3.39 -22.59
C ARG A 246 -6.94 4.62 -23.45
N ALA A 247 -8.19 4.98 -23.75
CA ALA A 247 -8.45 6.18 -24.55
C ALA A 247 -7.95 7.45 -23.87
N LYS A 248 -8.14 7.59 -22.54
CA LYS A 248 -7.59 8.73 -21.84
C LYS A 248 -6.06 8.78 -21.98
N VAL A 249 -5.42 7.64 -21.81
CA VAL A 249 -3.96 7.57 -21.96
C VAL A 249 -3.52 8.05 -23.34
N GLU A 250 -4.15 7.46 -24.36
CA GLU A 250 -3.76 7.73 -25.75
C GLU A 250 -4.03 9.16 -26.16
N ASP A 251 -5.20 9.67 -25.75
CA ASP A 251 -5.57 11.04 -26.05
C ASP A 251 -4.68 12.01 -25.27
N THR A 252 -4.36 11.68 -24.02
CA THR A 252 -3.48 12.56 -23.24
C THR A 252 -2.07 12.57 -23.80
N ALA A 253 -1.55 11.42 -24.22
CA ALA A 253 -0.20 11.41 -24.80
C ALA A 253 -0.14 12.23 -26.09
N ALA A 254 -1.19 12.16 -26.91
CA ALA A 254 -1.25 12.92 -28.17
C ALA A 254 -1.29 14.42 -27.95
N ARG A 255 -2.07 14.90 -26.98
CA ARG A 255 -2.17 16.32 -26.70
C ARG A 255 -0.86 16.90 -26.19
N LEU A 256 -0.15 16.14 -25.36
CA LEU A 256 1.16 16.54 -24.86
C LEU A 256 2.18 16.59 -26.00
N GLN A 257 2.18 15.56 -26.84
CA GLN A 257 3.05 15.50 -28.02
C GLN A 257 2.78 16.65 -28.98
N SER A 258 1.54 17.10 -29.09
CA SER A 258 1.15 18.23 -29.91
C SER A 258 1.75 19.55 -29.42
N LYS A 259 2.01 19.66 -28.13
CA LYS A 259 2.61 20.82 -27.52
C LYS A 259 4.12 20.75 -27.34
N GLY A 260 4.78 19.81 -27.99
CA GLY A 260 6.23 19.70 -27.92
C GLY A 260 6.76 18.94 -26.72
N ILE A 261 5.88 18.27 -25.99
CA ILE A 261 6.31 17.50 -24.82
C ILE A 261 6.62 16.06 -25.19
N SER A 262 7.76 15.55 -24.74
CA SER A 262 8.21 14.19 -24.96
C SER A 262 7.43 13.24 -24.06
N ALA A 263 6.34 12.70 -24.60
CA ALA A 263 5.43 11.88 -23.82
C ALA A 263 5.09 10.61 -24.57
N ALA A 264 4.84 9.52 -23.87
CA ALA A 264 4.41 8.29 -24.54
C ALA A 264 3.26 7.65 -23.77
N ALA A 265 2.46 6.89 -24.49
CA ALA A 265 1.37 6.14 -23.88
C ALA A 265 1.89 4.78 -23.43
N TYR A 266 1.40 4.28 -22.31
CA TYR A 266 1.77 2.97 -21.83
C TYR A 266 0.53 2.26 -21.28
N HIS A 267 0.23 1.10 -21.86
CA HIS A 267 -0.89 0.29 -21.42
C HIS A 267 -0.71 -1.15 -21.90
N ALA A 268 -1.54 -2.04 -21.37
CA ALA A 268 -1.53 -3.46 -21.67
C ALA A 268 -1.88 -3.81 -23.11
N GLY A 269 -2.44 -2.89 -23.88
CA GLY A 269 -2.77 -3.08 -25.28
C GLY A 269 -1.59 -2.87 -26.22
N LEU A 270 -0.46 -2.40 -25.70
CA LEU A 270 0.76 -2.30 -26.49
C LEU A 270 1.49 -3.64 -26.55
N GLU A 271 2.23 -3.84 -27.62
CA GLU A 271 3.03 -5.04 -27.82
C GLU A 271 4.19 -5.02 -26.83
N ASN A 272 4.68 -6.20 -26.46
CA ASN A 272 5.73 -6.33 -25.46
C ASN A 272 6.99 -5.54 -25.78
N ASN A 273 7.43 -5.52 -27.03
CA ASN A 273 8.62 -4.75 -27.40
C ASN A 273 8.35 -3.26 -27.27
N VAL A 274 7.14 -2.82 -27.60
CA VAL A 274 6.78 -1.41 -27.47
C VAL A 274 6.76 -1.01 -25.99
N ARG A 275 6.17 -1.86 -25.16
CA ARG A 275 6.17 -1.63 -23.71
C ARG A 275 7.60 -1.51 -23.18
N ALA A 276 8.46 -2.48 -23.53
CA ALA A 276 9.84 -2.43 -23.05
C ALA A 276 10.58 -1.18 -23.52
N ASP A 277 10.35 -0.72 -24.74
CA ASP A 277 10.98 0.47 -25.31
C ASP A 277 10.55 1.74 -24.58
N VAL A 278 9.24 1.85 -24.31
CA VAL A 278 8.72 2.99 -23.57
C VAL A 278 9.34 3.01 -22.17
N GLN A 279 9.37 1.85 -21.52
CA GLN A 279 9.98 1.74 -20.20
C GLN A 279 11.45 2.17 -20.23
N GLU A 280 12.20 1.66 -21.19
CA GLU A 280 13.61 2.00 -21.31
C GLU A 280 13.82 3.46 -21.63
N LYS A 281 13.04 4.03 -22.54
CA LYS A 281 13.14 5.43 -22.90
C LYS A 281 12.82 6.33 -21.70
N PHE A 282 11.87 5.91 -20.87
CA PHE A 282 11.58 6.65 -19.65
C PHE A 282 12.71 6.52 -18.63
N GLN A 283 13.23 5.33 -18.42
CA GLN A 283 14.33 5.10 -17.48
C GLN A 283 15.54 5.98 -17.78
N ARG A 284 15.88 6.11 -19.05
CA ARG A 284 17.03 6.90 -19.48
C ARG A 284 16.78 8.39 -19.63
N ASP A 285 15.55 8.83 -19.36
CA ASP A 285 15.16 10.22 -19.52
C ASP A 285 15.20 10.70 -20.96
N ASP A 286 14.90 9.83 -21.92
CA ASP A 286 14.60 10.23 -23.29
C ASP A 286 13.16 10.74 -23.37
N LEU A 287 12.31 10.15 -22.52
CA LEU A 287 10.93 10.58 -22.40
C LEU A 287 10.79 11.41 -21.13
N GLN A 288 10.01 12.48 -21.21
CA GLN A 288 9.77 13.29 -20.02
C GLN A 288 8.62 12.64 -19.25
N ILE A 289 7.57 12.24 -20.01
CA ILE A 289 6.35 11.79 -19.33
C ILE A 289 5.86 10.46 -19.89
N VAL A 290 5.40 9.60 -18.99
CA VAL A 290 4.69 8.40 -19.41
C VAL A 290 3.23 8.55 -18.96
N VAL A 291 2.32 8.43 -19.93
CA VAL A 291 0.89 8.47 -19.61
C VAL A 291 0.45 7.02 -19.56
N ALA A 292 -0.12 6.57 -18.45
CA ALA A 292 -0.36 5.13 -18.34
C ALA A 292 -1.60 4.70 -17.56
N THR A 293 -1.99 3.47 -17.84
CA THR A 293 -3.07 2.87 -17.04
C THR A 293 -2.36 2.38 -15.78
N VAL A 294 -3.03 1.67 -14.89
CA VAL A 294 -2.39 1.12 -13.70
C VAL A 294 -1.40 0.01 -13.98
N ALA A 295 -1.29 -0.43 -15.23
CA ALA A 295 -0.34 -1.41 -15.71
C ALA A 295 1.10 -0.94 -15.62
N PHE A 296 1.40 0.35 -15.75
CA PHE A 296 2.77 0.85 -15.63
C PHE A 296 3.11 1.11 -14.17
N GLY A 297 3.08 0.01 -13.43
CA GLY A 297 3.30 -0.04 -12.00
C GLY A 297 4.79 -0.14 -11.68
N MSE A 298 5.06 -0.48 -10.43
CA MSE A 298 6.37 -0.67 -9.92
C MSE A 298 7.15 -1.38 -11.02
O MSE A 298 6.65 -1.40 -12.16
CB MSE A 298 6.36 -1.60 -8.71
CG MSE A 298 5.51 -1.09 -7.57
SE MSE A 298 3.70 -1.61 -7.64
CE MSE A 298 3.86 -3.43 -7.66
N GLY A 299 8.26 -2.03 -10.70
CA GLY A 299 8.96 -2.78 -11.73
C GLY A 299 9.94 -1.94 -12.51
N ILE A 300 9.50 -0.90 -13.23
CA ILE A 300 10.48 -0.04 -13.90
C ILE A 300 11.09 0.86 -12.84
N ASN A 301 10.18 1.40 -12.02
CA ASN A 301 10.47 2.40 -11.03
C ASN A 301 11.89 2.94 -11.18
N LYS A 302 11.93 3.84 -12.15
CA LYS A 302 13.06 4.74 -12.37
C LYS A 302 13.17 5.45 -11.03
N PRO A 303 14.37 5.70 -10.55
CA PRO A 303 14.59 6.36 -9.28
C PRO A 303 14.27 7.84 -9.27
N ASN A 304 14.18 8.46 -10.45
CA ASN A 304 14.03 9.89 -10.54
C ASN A 304 12.75 10.37 -11.23
N VAL A 305 11.61 9.80 -10.84
CA VAL A 305 10.33 10.34 -11.32
C VAL A 305 9.98 11.57 -10.47
N ARG A 306 9.84 12.75 -11.07
CA ARG A 306 9.60 13.96 -10.31
C ARG A 306 8.16 14.17 -9.90
N PHE A 307 7.22 13.65 -10.68
CA PHE A 307 5.81 13.83 -10.30
C PHE A 307 4.95 12.65 -10.72
N VAL A 308 3.86 12.45 -9.99
CA VAL A 308 2.85 11.46 -10.34
C VAL A 308 1.50 12.19 -10.29
N VAL A 309 0.79 12.16 -11.41
CA VAL A 309 -0.55 12.74 -11.44
C VAL A 309 -1.60 11.62 -11.45
N HIS A 310 -2.66 11.78 -10.67
CA HIS A 310 -3.81 10.91 -10.79
C HIS A 310 -4.92 11.77 -11.41
N PHE A 311 -5.32 11.48 -12.65
CA PHE A 311 -6.37 12.28 -13.28
C PHE A 311 -7.73 11.86 -12.74
N ASP A 312 -7.79 10.59 -12.35
CA ASP A 312 -8.98 9.95 -11.80
C ASP A 312 -8.69 9.38 -10.41
N ILE A 313 -9.53 9.59 -9.40
CA ILE A 313 -9.22 9.08 -8.06
C ILE A 313 -9.26 7.56 -8.01
N PRO A 314 -8.28 6.95 -7.37
CA PRO A 314 -8.23 5.51 -7.15
C PRO A 314 -9.37 5.02 -6.25
N ARG A 315 -9.59 3.71 -6.20
CA ARG A 315 -10.65 3.13 -5.39
C ARG A 315 -10.29 2.88 -3.94
N ASN A 316 -9.00 2.92 -3.62
CA ASN A 316 -8.53 2.76 -2.24
C ASN A 316 -7.22 3.47 -2.00
N ILE A 317 -6.96 3.79 -0.74
CA ILE A 317 -5.74 4.51 -0.33
C ILE A 317 -4.51 3.66 -0.60
N GLU A 318 -4.63 2.33 -0.44
CA GLU A 318 -3.52 1.43 -0.73
C GLU A 318 -3.02 1.66 -2.16
N SER A 319 -3.94 1.67 -3.11
CA SER A 319 -3.59 1.93 -4.50
C SER A 319 -3.02 3.33 -4.70
N TYR A 320 -3.67 4.34 -4.11
CA TYR A 320 -3.18 5.70 -4.23
C TYR A 320 -1.77 5.82 -3.65
N TYR A 321 -1.50 5.18 -2.52
CA TYR A 321 -0.19 5.21 -1.88
C TYR A 321 0.88 4.52 -2.73
N GLN A 322 0.54 3.34 -3.25
CA GLN A 322 1.49 2.62 -4.10
C GLN A 322 1.85 3.39 -5.36
N GLU A 323 0.85 3.96 -6.03
CA GLU A 323 1.03 4.68 -7.28
C GLU A 323 1.78 5.98 -7.14
N THR A 324 1.44 6.79 -6.13
CA THR A 324 2.13 8.05 -5.88
C THR A 324 3.54 7.79 -5.38
N GLY A 325 3.74 6.65 -4.75
CA GLY A 325 5.00 6.21 -4.19
C GLY A 325 6.05 5.89 -5.25
N ARG A 326 5.68 5.85 -6.52
CA ARG A 326 6.62 5.71 -7.62
C ARG A 326 7.40 6.98 -7.88
N ALA A 327 6.96 8.12 -7.35
CA ALA A 327 7.67 9.38 -7.46
C ALA A 327 8.79 9.48 -6.42
N GLY A 328 9.89 10.13 -6.80
CA GLY A 328 10.95 10.49 -5.88
C GLY A 328 11.56 9.35 -5.11
N ARG A 329 11.89 8.24 -5.78
CA ARG A 329 12.54 7.11 -5.13
C ARG A 329 13.98 7.48 -4.74
N ASP A 330 14.55 8.45 -5.44
CA ASP A 330 15.87 8.98 -5.19
C ASP A 330 15.96 9.87 -3.95
N GLY A 331 14.83 10.24 -3.35
CA GLY A 331 14.79 11.08 -2.16
C GLY A 331 14.82 12.57 -2.40
N LEU A 332 14.90 12.98 -3.67
CA LEU A 332 14.90 14.39 -4.01
C LEU A 332 13.43 14.83 -4.06
N PRO A 333 13.16 16.10 -3.93
CA PRO A 333 11.79 16.61 -3.93
C PRO A 333 10.95 16.07 -5.07
N ALA A 334 9.72 15.67 -4.75
CA ALA A 334 8.82 15.13 -5.79
C ALA A 334 7.39 15.52 -5.41
N GLU A 335 6.47 15.35 -6.36
CA GLU A 335 5.10 15.77 -6.10
C GLU A 335 4.09 14.77 -6.62
N ALA A 336 2.98 14.65 -5.90
CA ALA A 336 1.85 13.80 -6.30
C ALA A 336 0.66 14.73 -6.46
N MSE A 337 0.03 14.83 -7.61
CA MSE A 337 -1.07 15.72 -7.84
C MSE A 337 -2.29 14.93 -8.22
O MSE A 337 -2.27 14.16 -9.20
CB MSE A 337 -0.74 16.73 -8.95
CG MSE A 337 -1.90 17.60 -9.36
SE MSE A 337 -2.74 18.66 -8.04
CE MSE A 337 -1.60 20.10 -7.98
N LEU A 338 -3.37 15.03 -7.45
CA LEU A 338 -4.60 14.29 -7.74
C LEU A 338 -5.70 15.27 -8.17
N PHE A 339 -6.27 15.05 -9.35
CA PHE A 339 -7.34 15.93 -9.82
C PHE A 339 -8.65 15.34 -9.31
N TYR A 340 -9.46 16.13 -8.61
CA TYR A 340 -10.65 15.56 -7.98
C TYR A 340 -11.92 16.34 -8.22
N ASP A 341 -12.98 15.58 -8.40
CA ASP A 341 -14.34 16.13 -8.47
C ASP A 341 -15.21 15.19 -7.67
N PRO A 342 -16.01 15.71 -6.75
CA PRO A 342 -16.91 14.89 -5.93
C PRO A 342 -17.86 14.05 -6.75
N ALA A 343 -18.17 14.46 -7.97
CA ALA A 343 -18.93 13.64 -8.91
C ALA A 343 -18.14 12.39 -9.31
N ASP A 344 -16.82 12.39 -9.23
CA ASP A 344 -16.01 11.21 -9.51
C ASP A 344 -16.27 10.14 -8.44
N MSE A 345 -16.39 10.51 -7.17
CA MSE A 345 -16.68 9.62 -6.10
C MSE A 345 -18.11 9.14 -6.21
O MSE A 345 -18.41 7.99 -5.92
CB MSE A 345 -16.47 10.26 -4.73
CG MSE A 345 -15.03 10.15 -4.25
SE MSE A 345 -14.49 8.36 -3.89
CE MSE A 345 -15.82 7.86 -2.73
N ALA A 346 -19.03 10.04 -6.58
CA ALA A 346 -20.43 9.63 -6.71
C ALA A 346 -20.56 8.51 -7.74
N TRP A 347 -19.79 8.59 -8.82
CA TRP A 347 -19.80 7.56 -9.86
C TRP A 347 -19.28 6.23 -9.33
N LEU A 348 -18.12 6.25 -8.66
CA LEU A 348 -17.56 5.05 -8.06
C LEU A 348 -18.52 4.40 -7.06
N ARG A 349 -19.28 5.21 -6.32
CA ARG A 349 -20.24 4.68 -5.35
C ARG A 349 -21.40 3.98 -6.06
N ARG A 350 -21.85 4.59 -7.15
CA ARG A 350 -22.89 4.04 -8.00
C ARG A 350 -22.47 2.67 -8.53
N CYS A 351 -21.27 2.60 -9.10
CA CYS A 351 -20.73 1.37 -9.64
C CYS A 351 -20.65 0.28 -8.58
N LEU A 352 -20.19 0.65 -7.38
CA LEU A 352 -20.03 -0.30 -6.29
C LEU A 352 -21.33 -0.84 -5.72
N GLU A 353 -22.32 0.02 -5.50
CA GLU A 353 -23.55 -0.36 -4.84
C GLU A 353 -24.50 -1.23 -5.67
N GLU A 354 -24.22 -1.44 -6.94
CA GLU A 354 -25.03 -2.37 -7.73
C GLU A 354 -24.28 -3.67 -7.96
N LYS A 355 -23.11 -3.82 -7.35
CA LYS A 355 -22.39 -5.10 -7.41
C LYS A 355 -23.08 -5.98 -6.37
N PRO A 356 -22.83 -7.27 -6.37
CA PRO A 356 -23.46 -8.18 -5.43
C PRO A 356 -23.28 -7.77 -3.97
N GLN A 357 -24.38 -7.80 -3.23
CA GLN A 357 -24.37 -7.43 -1.81
C GLN A 357 -23.61 -8.48 -1.00
N GLY A 358 -23.13 -8.09 0.17
CA GLY A 358 -22.43 -9.02 1.05
C GLY A 358 -21.08 -8.50 1.53
N GLN A 359 -20.33 -9.39 2.17
CA GLN A 359 -19.02 -9.09 2.73
C GLN A 359 -18.05 -8.42 1.78
N LEU A 360 -17.90 -8.89 0.55
CA LEU A 360 -16.97 -8.35 -0.42
C LEU A 360 -17.25 -6.89 -0.76
N GLN A 361 -18.53 -6.56 -0.96
CA GLN A 361 -18.93 -5.19 -1.26
C GLN A 361 -18.68 -4.29 -0.05
N ASP A 362 -18.92 -4.83 1.15
CA ASP A 362 -18.67 -4.08 2.38
C ASP A 362 -17.22 -3.63 2.46
N ILE A 363 -16.30 -4.56 2.21
CA ILE A 363 -14.87 -4.26 2.24
C ILE A 363 -14.51 -3.15 1.28
N GLU A 364 -14.96 -3.26 0.02
CA GLU A 364 -14.77 -2.28 -1.01
C GLU A 364 -15.38 -0.93 -0.66
N ARG A 365 -16.54 -0.94 -0.03
CA ARG A 365 -17.22 0.27 0.40
C ARG A 365 -16.39 0.97 1.47
N HIS A 366 -15.90 0.20 2.44
CA HIS A 366 -15.08 0.76 3.51
C HIS A 366 -13.88 1.50 2.93
N LYS A 367 -13.18 0.83 2.00
CA LYS A 367 -11.97 1.44 1.44
C LYS A 367 -12.29 2.61 0.52
N LEU A 368 -13.38 2.52 -0.23
CA LEU A 368 -13.81 3.65 -1.05
C LEU A 368 -14.18 4.84 -0.18
N ASN A 369 -14.89 4.63 0.93
CA ASN A 369 -15.25 5.73 1.81
C ASN A 369 -14.00 6.46 2.29
N ALA A 370 -13.01 5.67 2.70
CA ALA A 370 -11.77 6.26 3.21
C ALA A 370 -11.01 7.02 2.14
N MSE A 371 -11.01 6.58 0.87
CA MSE A 371 -10.41 7.29 -0.20
C MSE A 371 -11.13 8.62 -0.38
O MSE A 371 -10.48 9.64 -0.61
CB MSE A 371 -10.46 6.51 -1.51
CG MSE A 371 -9.74 7.15 -2.69
SE MSE A 371 -7.85 6.96 -2.69
CE MSE A 371 -7.34 8.67 -2.33
N GLY A 372 -12.46 8.61 -0.35
CA GLY A 372 -13.21 9.86 -0.56
C GLY A 372 -12.93 10.85 0.56
N ALA A 373 -12.81 10.31 1.78
CA ALA A 373 -12.52 11.13 2.97
C ALA A 373 -11.13 11.75 2.88
N PHE A 374 -10.19 11.03 2.28
CA PHE A 374 -8.86 11.60 2.04
C PHE A 374 -9.00 12.80 1.10
N ALA A 375 -9.72 12.60 -0.02
CA ALA A 375 -9.90 13.69 -0.97
C ALA A 375 -10.59 14.90 -0.34
N GLU A 376 -11.58 14.69 0.51
CA GLU A 376 -12.33 15.77 1.15
C GLU A 376 -11.78 16.16 2.51
N ALA A 377 -10.57 15.74 2.81
CA ALA A 377 -9.95 16.01 4.11
C ALA A 377 -9.82 17.50 4.41
N GLN A 378 -9.80 17.83 5.70
CA GLN A 378 -9.47 19.17 6.16
C GLN A 378 -8.25 19.10 7.08
N THR A 379 -7.54 17.99 6.99
CA THR A 379 -6.38 17.69 7.83
C THR A 379 -5.20 17.33 6.93
N CYS A 380 -3.99 17.67 7.34
CA CYS A 380 -2.80 17.29 6.60
C CYS A 380 -2.95 15.96 5.87
N ARG A 381 -2.73 15.95 4.56
CA ARG A 381 -2.85 14.73 3.75
C ARG A 381 -1.90 13.62 4.21
N ARG A 382 -0.72 14.01 4.70
CA ARG A 382 0.27 13.01 5.15
C ARG A 382 -0.24 12.30 6.39
N LEU A 383 -0.89 13.04 7.29
CA LEU A 383 -1.46 12.43 8.49
C LEU A 383 -2.61 11.49 8.12
N VAL A 384 -3.40 11.87 7.10
CA VAL A 384 -4.46 10.95 6.66
C VAL A 384 -3.84 9.60 6.29
N LEU A 385 -2.82 9.63 5.42
CA LEU A 385 -2.17 8.40 4.98
C LEU A 385 -1.54 7.62 6.11
N LEU A 386 -0.75 8.30 6.94
CA LEU A 386 -0.04 7.64 8.03
C LEU A 386 -0.98 6.97 9.03
N ASN A 387 -2.05 7.68 9.39
CA ASN A 387 -3.01 7.13 10.33
C ASN A 387 -3.86 6.04 9.70
N TYR A 388 -4.08 6.09 8.39
CA TYR A 388 -4.78 5.02 7.68
C TYR A 388 -3.99 3.72 7.81
N PHE A 389 -2.66 3.84 7.71
CA PHE A 389 -1.79 2.68 7.86
C PHE A 389 -1.42 2.38 9.30
N GLY A 390 -1.98 3.10 10.27
CA GLY A 390 -1.79 2.85 11.67
C GLY A 390 -0.51 3.40 12.27
N GLU A 391 0.16 4.29 11.56
CA GLU A 391 1.36 4.96 12.04
C GLU A 391 0.93 6.27 12.70
N GLY A 392 0.75 6.20 14.02
CA GLY A 392 0.24 7.31 14.81
C GLY A 392 1.06 8.58 14.70
N ARG A 393 0.43 9.67 14.25
CA ARG A 393 1.11 10.94 14.14
C ARG A 393 0.07 12.06 14.10
N GLN A 394 0.34 13.15 14.80
CA GLN A 394 -0.56 14.29 14.85
C GLN A 394 0.12 15.57 14.38
N GLU A 395 1.45 15.56 14.21
CA GLU A 395 2.15 16.76 13.75
C GLU A 395 2.02 16.95 12.24
N PRO A 396 1.44 18.05 11.80
CA PRO A 396 1.27 18.35 10.39
C PRO A 396 2.59 18.41 9.65
N CYS A 397 2.59 17.99 8.38
CA CYS A 397 3.86 17.85 7.65
C CYS A 397 4.48 19.15 7.18
N GLY A 398 3.68 20.15 6.81
CA GLY A 398 4.19 21.38 6.23
C GLY A 398 4.51 21.22 4.74
N ASN A 399 4.10 20.09 4.15
CA ASN A 399 4.47 19.78 2.77
C ASN A 399 3.34 19.06 2.03
N CYS A 400 2.13 19.63 2.15
CA CYS A 400 0.99 19.11 1.38
C CYS A 400 0.09 20.30 1.09
N ASP A 401 -0.89 20.16 0.20
CA ASP A 401 -1.74 21.33 -0.09
C ASP A 401 -2.48 21.85 1.12
N ILE A 402 -2.97 20.97 2.01
CA ILE A 402 -3.66 21.44 3.22
C ILE A 402 -2.72 22.19 4.12
N CYS A 403 -1.52 21.68 4.40
CA CYS A 403 -0.56 22.37 5.24
C CYS A 403 -0.10 23.71 4.67
N LEU A 404 -0.06 23.86 3.34
CA LEU A 404 0.32 25.08 2.69
C LEU A 404 -0.78 26.14 2.81
N ASP A 405 -2.01 25.74 3.11
CA ASP A 405 -3.11 26.71 3.22
C ASP A 405 -4.16 26.18 4.20
N PRO A 406 -3.76 26.07 5.46
CA PRO A 406 -4.61 25.47 6.48
C PRO A 406 -5.98 26.13 6.57
N PRO A 407 -7.01 25.29 6.73
CA PRO A 407 -8.35 25.75 6.94
C PRO A 407 -8.42 26.56 8.24
N LYS A 408 -9.41 27.44 8.32
CA LYS A 408 -9.61 28.22 9.56
C LYS A 408 -9.78 27.24 10.72
N GLN A 409 -9.11 27.50 11.85
CA GLN A 409 -9.20 26.58 12.98
C GLN A 409 -10.08 27.12 14.10
N TYR A 410 -10.49 26.22 14.99
CA TYR A 410 -11.24 26.62 16.19
C TYR A 410 -10.82 25.68 17.32
N ASP A 411 -11.12 26.04 18.56
CA ASP A 411 -10.84 25.12 19.68
C ASP A 411 -11.90 24.03 19.67
N GLY A 412 -11.54 22.86 19.13
CA GLY A 412 -12.47 21.74 19.00
C GLY A 412 -12.42 20.77 20.18
N SER A 413 -11.91 21.19 21.33
CA SER A 413 -11.77 20.29 22.47
C SER A 413 -13.11 19.75 22.96
N THR A 414 -14.09 20.63 23.10
CA THR A 414 -15.39 20.19 23.61
C THR A 414 -16.08 19.27 22.61
N ASP A 415 -16.02 19.66 21.34
CA ASP A 415 -16.61 18.83 20.29
C ASP A 415 -15.91 17.47 20.26
N ALA A 416 -14.58 17.46 20.36
CA ALA A 416 -13.85 16.19 20.33
C ALA A 416 -14.19 15.33 21.54
N GLN A 417 -14.34 15.95 22.73
CA GLN A 417 -14.71 15.16 23.91
C GLN A 417 -16.09 14.54 23.69
N ILE A 418 -17.03 15.32 23.13
CA ILE A 418 -18.37 14.76 22.89
C ILE A 418 -18.30 13.56 21.95
N ALA A 419 -17.62 13.70 20.81
CA ALA A 419 -17.52 12.61 19.85
C ALA A 419 -16.82 11.38 20.43
N LEU A 420 -15.65 11.59 21.04
CA LEU A 420 -14.87 10.49 21.61
C LEU A 420 -15.66 9.82 22.73
N SER A 421 -16.32 10.61 23.57
CA SER A 421 -17.12 10.00 24.65
C SER A 421 -18.24 9.15 24.07
N THR A 422 -18.93 9.63 23.06
CA THR A 422 -20.01 8.88 22.42
C THR A 422 -19.51 7.55 21.89
N ILE A 423 -18.38 7.59 21.17
CA ILE A 423 -17.78 6.35 20.64
C ILE A 423 -17.51 5.37 21.76
N GLY A 424 -16.97 5.84 22.89
CA GLY A 424 -16.72 4.93 24.02
C GLY A 424 -18.02 4.42 24.63
N ARG A 425 -19.00 5.29 24.83
CA ARG A 425 -20.25 4.89 25.46
C ARG A 425 -21.05 3.86 24.71
N VAL A 426 -21.02 3.86 23.37
CA VAL A 426 -21.72 2.87 22.57
C VAL A 426 -20.89 1.62 22.31
N ASN A 427 -19.88 1.41 23.14
CA ASN A 427 -18.98 0.29 23.18
C ASN A 427 -18.20 0.09 21.89
N GLN A 428 -17.95 1.19 21.18
CA GLN A 428 -17.13 1.17 19.96
C GLN A 428 -17.63 0.16 18.94
N ARG A 429 -18.95 0.00 18.81
CA ARG A 429 -19.54 -0.98 17.93
C ARG A 429 -20.19 -0.40 16.69
N PHE A 430 -20.31 0.92 16.63
CA PHE A 430 -21.09 1.56 15.58
C PHE A 430 -20.30 2.45 14.64
N GLY A 431 -20.79 2.54 13.40
CA GLY A 431 -20.19 3.35 12.36
C GLY A 431 -20.60 4.82 12.51
N MSE A 432 -20.02 5.65 11.66
CA MSE A 432 -20.19 7.07 11.61
C MSE A 432 -21.63 7.50 11.68
O MSE A 432 -22.00 8.37 12.48
CB MSE A 432 -19.57 7.60 10.30
CG MSE A 432 -19.76 9.12 10.09
SE MSE A 432 -18.61 10.12 11.21
CE MSE A 432 -17.12 10.08 10.12
N GLY A 433 -22.48 7.00 10.78
CA GLY A 433 -23.88 7.44 10.73
C GLY A 433 -24.60 7.31 12.06
N TYR A 434 -24.50 6.15 12.71
CA TYR A 434 -25.22 5.95 13.97
C TYR A 434 -24.70 6.86 15.07
N VAL A 435 -23.37 6.95 15.19
CA VAL A 435 -22.74 7.81 16.19
C VAL A 435 -23.20 9.25 16.03
N VAL A 436 -23.29 9.76 14.80
CA VAL A 436 -23.69 11.15 14.59
C VAL A 436 -25.15 11.32 14.98
N GLU A 437 -26.00 10.37 14.65
CA GLU A 437 -27.40 10.40 15.09
C GLU A 437 -27.52 10.49 16.61
N VAL A 438 -26.74 9.70 17.35
CA VAL A 438 -26.73 9.77 18.81
C VAL A 438 -26.30 11.15 19.28
N ILE A 439 -25.21 11.69 18.73
CA ILE A 439 -24.76 13.03 19.09
C ILE A 439 -25.81 14.09 18.87
N ARG A 440 -26.51 14.03 17.74
CA ARG A 440 -27.49 15.05 17.37
C ARG A 440 -28.85 14.84 18.03
N GLY A 441 -28.99 13.76 18.78
CA GLY A 441 -30.22 13.43 19.49
C GLY A 441 -31.37 13.08 18.54
N ALA A 442 -31.12 12.24 17.55
CA ALA A 442 -32.15 11.87 16.59
C ALA A 442 -33.25 10.98 17.18
N ASN A 443 -34.42 11.06 16.56
CA ASN A 443 -35.56 10.23 16.87
C ASN A 443 -35.40 8.95 16.06
N ASN A 444 -34.76 7.96 16.67
CA ASN A 444 -34.43 6.73 15.94
C ASN A 444 -34.80 5.53 16.81
N GLN A 445 -35.56 4.62 16.21
CA GLN A 445 -36.03 3.43 16.92
C GLN A 445 -34.85 2.59 17.40
N ARG A 446 -33.84 2.45 16.55
CA ARG A 446 -32.62 1.74 16.91
C ARG A 446 -31.95 2.33 18.14
N ILE A 447 -31.79 3.66 18.21
CA ILE A 447 -31.22 4.31 19.38
C ILE A 447 -32.00 3.98 20.65
N ARG A 448 -33.34 4.05 20.58
CA ARG A 448 -34.13 3.76 21.78
C ARG A 448 -34.01 2.31 22.21
N ASP A 449 -33.94 1.36 21.28
CA ASP A 449 -33.81 -0.05 21.64
C ASP A 449 -32.49 -0.39 22.29
N TYR A 450 -31.42 0.32 21.93
CA TYR A 450 -30.13 0.17 22.59
C TYR A 450 -30.06 0.95 23.89
N GLY A 451 -31.03 1.83 24.15
CA GLY A 451 -31.05 2.65 25.33
C GLY A 451 -30.07 3.82 25.23
N HIS A 452 -29.61 4.13 24.03
CA HIS A 452 -28.62 5.19 23.85
C HIS A 452 -29.24 6.58 23.97
N ASP A 453 -30.56 6.67 24.01
CA ASP A 453 -31.26 7.93 24.26
C ASP A 453 -31.13 8.36 25.72
N LYS A 454 -30.74 7.44 26.60
CA LYS A 454 -30.50 7.72 28.01
C LYS A 454 -29.08 8.17 28.28
N LEU A 455 -28.19 8.03 27.29
CA LEU A 455 -26.83 8.54 27.49
C LEU A 455 -26.83 10.06 27.66
N LYS A 456 -25.88 10.55 28.45
CA LYS A 456 -25.61 11.98 28.61
C LYS A 456 -25.19 12.64 27.30
N VAL A 457 -24.40 11.95 26.48
CA VAL A 457 -23.99 12.49 25.20
C VAL A 457 -25.15 12.60 24.21
N TYR A 458 -26.22 11.82 24.35
CA TYR A 458 -27.33 11.92 23.41
C TYR A 458 -27.85 13.34 23.30
N GLY A 459 -27.80 13.91 22.09
CA GLY A 459 -28.31 15.24 21.83
C GLY A 459 -27.38 16.37 22.25
N MSE A 460 -26.17 16.12 22.73
CA MSE A 460 -25.27 17.15 23.13
C MSE A 460 -24.77 17.90 21.90
O MSE A 460 -24.35 19.06 22.07
CB MSE A 460 -24.09 16.63 23.95
CG MSE A 460 -24.47 16.32 25.41
SE MSE A 460 -22.98 15.90 26.51
CE MSE A 460 -22.09 17.50 26.49
N GLY A 461 -24.86 17.36 20.69
CA GLY A 461 -24.47 18.08 19.49
C GLY A 461 -25.61 18.52 18.61
N ARG A 462 -26.85 18.54 19.14
CA ARG A 462 -28.01 18.90 18.32
C ARG A 462 -27.91 20.28 17.70
N ASP A 463 -27.22 21.24 18.33
CA ASP A 463 -27.08 22.59 17.78
C ASP A 463 -26.12 22.72 16.61
N LYS A 464 -25.38 21.68 16.24
CA LYS A 464 -24.46 21.71 15.12
C LYS A 464 -24.92 20.69 14.07
N SER A 465 -24.58 20.93 12.80
CA SER A 465 -25.11 20.16 11.71
C SER A 465 -24.57 18.72 11.67
N HIS A 466 -25.19 17.93 10.81
CA HIS A 466 -24.74 16.56 10.54
C HIS A 466 -23.35 16.61 9.93
N GLU A 467 -23.18 17.49 8.95
CA GLU A 467 -21.85 17.59 8.31
C GLU A 467 -20.78 18.08 9.29
N HIS A 468 -21.12 18.95 10.24
CA HIS A 468 -20.21 19.39 11.27
C HIS A 468 -19.64 18.18 12.03
N TRP A 469 -20.53 17.33 12.55
CA TRP A 469 -20.08 16.16 13.30
C TRP A 469 -19.33 15.13 12.47
N VAL A 470 -19.70 14.97 11.20
CA VAL A 470 -18.97 14.08 10.29
C VAL A 470 -17.54 14.59 10.13
N SER A 471 -17.40 15.92 9.95
CA SER A 471 -16.06 16.51 9.86
C SER A 471 -15.28 16.31 11.16
N VAL A 472 -15.89 16.56 12.32
CA VAL A 472 -15.16 16.41 13.58
C VAL A 472 -14.61 15.00 13.67
N ILE A 473 -15.50 14.02 13.44
CA ILE A 473 -15.07 12.62 13.55
C ILE A 473 -14.05 12.27 12.49
N ARG A 474 -14.25 12.69 11.23
CA ARG A 474 -13.26 12.45 10.19
C ARG A 474 -11.91 13.04 10.55
N GLN A 475 -11.87 14.23 11.18
CA GLN A 475 -10.58 14.82 11.57
C GLN A 475 -9.94 14.02 12.69
N LEU A 476 -10.75 13.50 13.62
CA LEU A 476 -10.24 12.63 14.68
C LEU A 476 -9.64 11.35 14.08
N ILE A 477 -10.28 10.80 13.05
CA ILE A 477 -9.72 9.63 12.36
C ILE A 477 -8.42 10.01 11.67
N HIS A 478 -8.41 11.16 10.97
CA HIS A 478 -7.21 11.58 10.24
C HIS A 478 -6.05 11.97 11.16
N LEU A 479 -6.29 12.32 12.41
CA LEU A 479 -5.28 12.57 13.41
C LEU A 479 -4.84 11.35 14.19
N GLY A 480 -5.50 10.22 14.01
CA GLY A 480 -5.15 8.96 14.65
C GLY A 480 -5.71 8.81 16.05
N LEU A 481 -6.75 9.57 16.42
CA LEU A 481 -7.40 9.42 17.70
C LEU A 481 -8.51 8.38 17.64
N VAL A 482 -9.06 8.14 16.45
CA VAL A 482 -10.16 7.24 16.18
C VAL A 482 -9.81 6.36 14.97
N THR A 483 -10.23 5.10 14.97
CA THR A 483 -10.06 4.22 13.83
C THR A 483 -11.42 3.71 13.34
N GLN A 484 -11.48 3.25 12.10
CA GLN A 484 -12.67 2.63 11.53
C GLN A 484 -12.31 1.17 11.27
N ASN A 485 -12.97 0.27 11.99
CA ASN A 485 -12.61 -1.15 11.97
C ASN A 485 -13.31 -1.90 10.86
N ILE A 486 -12.54 -2.20 9.81
CA ILE A 486 -13.10 -2.83 8.61
C ILE A 486 -13.75 -4.18 8.87
N ALA A 487 -13.30 -4.90 9.88
CA ALA A 487 -13.80 -6.20 10.29
C ALA A 487 -14.98 -6.10 11.24
N GLN A 488 -15.41 -4.88 11.59
CA GLN A 488 -16.59 -4.65 12.42
C GLN A 488 -17.53 -3.66 11.73
N HIS A 489 -17.74 -3.84 10.43
CA HIS A 489 -18.58 -2.94 9.65
C HIS A 489 -18.22 -1.47 9.81
N SER A 490 -16.93 -1.16 9.80
CA SER A 490 -16.44 0.20 9.92
C SER A 490 -16.74 0.88 11.25
N ALA A 491 -16.88 0.10 12.33
CA ALA A 491 -17.12 0.69 13.64
C ALA A 491 -16.04 1.69 14.05
N LEU A 492 -16.49 2.79 14.68
CA LEU A 492 -15.59 3.82 15.16
C LEU A 492 -15.01 3.40 16.50
N GLN A 493 -13.68 3.33 16.60
CA GLN A 493 -13.05 2.84 17.82
C GLN A 493 -11.94 3.79 18.27
N LEU A 494 -11.62 3.72 19.56
CA LEU A 494 -10.68 4.68 20.16
C LEU A 494 -9.24 4.19 20.17
N THR A 495 -8.29 5.12 20.01
CA THR A 495 -6.89 4.73 20.10
C THR A 495 -6.29 5.29 21.38
N GLU A 496 -5.02 4.95 21.69
CA GLU A 496 -4.35 5.54 22.85
C GLU A 496 -4.23 7.06 22.78
N ALA A 497 -4.08 7.63 21.59
CA ALA A 497 -3.95 9.06 21.41
C ALA A 497 -5.19 9.85 21.79
N ALA A 498 -6.34 9.19 21.88
CA ALA A 498 -7.58 9.88 22.27
C ALA A 498 -7.60 10.26 23.75
N ARG A 499 -6.80 9.60 24.59
CA ARG A 499 -6.83 9.77 26.02
C ARG A 499 -6.75 11.17 26.58
N PRO A 500 -5.74 11.97 26.30
CA PRO A 500 -5.61 13.32 26.81
C PRO A 500 -6.76 14.25 26.44
N VAL A 501 -7.26 14.12 25.20
CA VAL A 501 -8.39 14.95 24.77
C VAL A 501 -9.67 14.50 25.46
N LEU A 502 -9.92 13.20 25.49
CA LEU A 502 -11.10 12.67 26.18
C LEU A 502 -11.14 13.08 27.63
N ARG A 503 -10.02 13.05 28.34
CA ARG A 503 -9.92 13.43 29.74
C ARG A 503 -9.96 14.93 29.98
N GLY A 504 -9.78 15.74 28.96
CA GLY A 504 -9.79 17.20 29.11
C GLY A 504 -8.43 17.70 29.59
N GLU A 505 -7.40 16.88 29.37
CA GLU A 505 -6.05 17.21 29.79
C GLU A 505 -5.33 18.03 28.73
N SER A 506 -5.73 17.86 27.46
CA SER A 506 -5.14 18.62 26.38
C SER A 506 -6.21 19.29 25.53
N SER A 507 -5.90 20.47 25.01
CA SER A 507 -6.80 21.14 24.07
C SER A 507 -6.55 20.58 22.68
N LEU A 508 -7.55 20.67 21.81
CA LEU A 508 -7.41 20.17 20.45
C LEU A 508 -7.90 21.21 19.45
N GLN A 509 -7.00 21.68 18.59
CA GLN A 509 -7.43 22.61 17.55
C GLN A 509 -7.97 21.80 16.38
N LEU A 510 -9.13 22.15 15.83
CA LEU A 510 -9.66 21.47 14.67
C LEU A 510 -10.02 22.45 13.56
N ALA A 511 -10.18 21.93 12.34
CA ALA A 511 -10.65 22.80 11.25
C ALA A 511 -12.13 23.05 11.44
N VAL A 512 -12.58 24.29 11.31
CA VAL A 512 -14.03 24.54 11.30
C VAL A 512 -14.60 23.78 10.11
N PRO A 513 -15.60 22.95 10.30
CA PRO A 513 -16.11 22.11 9.22
C PRO A 513 -16.60 22.88 8.01
N ARG A 514 -16.23 22.44 6.82
CA ARG A 514 -16.63 23.08 5.56
C ARG A 514 -18.14 23.03 5.35
N ILE A 515 -18.80 24.08 4.88
CA ILE A 515 -20.24 23.99 4.59
C ILE A 515 -20.39 23.37 3.19
N VAL A 516 -21.01 22.21 3.11
CA VAL A 516 -21.13 21.44 1.88
C VAL A 516 -22.33 20.46 1.94
ZN ZN B . 0.62 18.18 5.43
MN MN C . 23.90 -7.26 12.11
#